data_7B1V
#
_entry.id   7B1V
#
_cell.length_a   43.888
_cell.length_b   45.564
_cell.length_c   66.275
_cell.angle_alpha   109.120
_cell.angle_beta   93.200
_cell.angle_gamma   113.980
#
_symmetry.space_group_name_H-M   'P 1'
#
loop_
_entity.id
_entity.type
_entity.pdbx_description
1 polymer 'DtxR family iron (Metal) dependent repressor'
2 non-polymer 'COBALT (II) ION'
3 water water
#
_entity_poly.entity_id   1
_entity_poly.type   'polypeptide(L)'
_entity_poly.pdbx_seq_one_letter_code
;GHMNDLIDTTEMYLRTIYDLEEEGVVPLRARIAERLEQSGPTVSQTVARMERDGLLTVAEDRHLELTKAGRARAISVMRK
HRLAERLLVDVIGLEWEQVHLEA(CSD)RWEHVMSEAVERKLVKLLGNPTTSPYGNPIPGLDELGVGDSVEPVDTDLRRV
DEVARSGGGRALVCRIAEHVQLDPDLMSELKKVGVVPGNEIDIVAVAGVNKPIQVQGSEGGTQLQPGIAHAVMVRVK
;
_entity_poly.pdbx_strand_id   A,B
#
# COMPACT_ATOMS: atom_id res chain seq x y z
N ASP A 5 -2.43 -10.81 7.51
CA ASP A 5 -1.88 -11.78 6.51
C ASP A 5 -2.57 -11.53 5.16
N LEU A 6 -3.88 -11.76 5.09
CA LEU A 6 -4.72 -11.42 3.90
C LEU A 6 -4.91 -9.91 3.82
N ILE A 7 -4.58 -9.18 4.90
CA ILE A 7 -4.64 -7.70 5.04
C ILE A 7 -6.10 -7.27 5.18
N ASP A 8 -6.96 -7.66 4.23
CA ASP A 8 -8.43 -7.50 4.28
C ASP A 8 -9.08 -8.81 3.82
N THR A 9 -9.69 -9.55 4.74
CA THR A 9 -10.30 -10.89 4.52
C THR A 9 -11.50 -10.76 3.57
N THR A 10 -12.39 -9.79 3.84
CA THR A 10 -13.60 -9.51 3.03
C THR A 10 -13.21 -9.27 1.57
N GLU A 11 -12.29 -8.33 1.32
CA GLU A 11 -11.83 -7.93 -0.03
C GLU A 11 -11.18 -9.12 -0.74
N MET A 12 -10.44 -9.97 -0.02
CA MET A 12 -9.78 -11.17 -0.59
C MET A 12 -10.82 -12.25 -0.92
N TYR A 13 -11.90 -12.35 -0.14
CA TYR A 13 -13.06 -13.24 -0.42
C TYR A 13 -13.80 -12.73 -1.66
N LEU A 14 -13.96 -11.41 -1.78
CA LEU A 14 -14.60 -10.75 -2.94
C LEU A 14 -13.79 -10.99 -4.22
N ARG A 15 -12.46 -10.81 -4.14
CA ARG A 15 -11.56 -10.84 -5.31
C ARG A 15 -11.34 -12.29 -5.77
N THR A 16 -11.32 -13.26 -4.85
CA THR A 16 -11.15 -14.71 -5.16
C THR A 16 -12.38 -15.23 -5.92
N ILE A 17 -13.58 -14.74 -5.56
CA ILE A 17 -14.86 -15.04 -6.28
C ILE A 17 -14.76 -14.46 -7.70
N TYR A 18 -14.22 -13.25 -7.83
CA TYR A 18 -14.02 -12.54 -9.12
C TYR A 18 -12.93 -13.24 -9.95
N ASP A 19 -11.89 -13.75 -9.29
CA ASP A 19 -10.78 -14.54 -9.91
C ASP A 19 -11.35 -15.81 -10.55
N LEU A 20 -12.15 -16.58 -9.77
CA LEU A 20 -12.79 -17.84 -10.21
C LEU A 20 -13.68 -17.58 -11.43
N GLU A 21 -14.34 -16.42 -11.46
CA GLU A 21 -15.25 -15.98 -12.55
C GLU A 21 -14.43 -15.72 -13.83
N GLU A 22 -13.27 -15.07 -13.70
CA GLU A 22 -12.33 -14.80 -14.83
C GLU A 22 -11.75 -16.12 -15.34
N GLU A 23 -11.58 -17.11 -14.46
CA GLU A 23 -11.03 -18.45 -14.78
C GLU A 23 -12.15 -19.37 -15.31
N GLY A 24 -13.39 -18.90 -15.33
CA GLY A 24 -14.56 -19.69 -15.78
C GLY A 24 -14.81 -20.87 -14.86
N VAL A 25 -14.73 -20.65 -13.55
CA VAL A 25 -14.91 -21.68 -12.48
C VAL A 25 -16.04 -21.21 -11.56
N VAL A 26 -16.96 -22.11 -11.19
CA VAL A 26 -18.14 -21.82 -10.34
C VAL A 26 -17.65 -21.49 -8.93
N PRO A 27 -17.99 -20.31 -8.37
CA PRO A 27 -17.62 -19.97 -6.99
C PRO A 27 -18.27 -20.90 -5.96
N LEU A 28 -17.46 -21.72 -5.28
CA LEU A 28 -17.90 -22.65 -4.19
C LEU A 28 -17.04 -22.41 -2.95
N ARG A 29 -17.63 -22.58 -1.76
CA ARG A 29 -16.98 -22.37 -0.44
C ARG A 29 -15.69 -23.19 -0.38
N ALA A 30 -15.75 -24.45 -0.81
CA ALA A 30 -14.62 -25.42 -0.81
C ALA A 30 -13.42 -24.84 -1.57
N ARG A 31 -13.67 -24.09 -2.65
CA ARG A 31 -12.62 -23.50 -3.53
C ARG A 31 -12.05 -22.23 -2.88
N ILE A 32 -12.89 -21.41 -2.25
CA ILE A 32 -12.46 -20.19 -1.48
C ILE A 32 -11.52 -20.65 -0.37
N ALA A 33 -11.86 -21.76 0.31
CA ALA A 33 -11.07 -22.40 1.39
C ALA A 33 -9.71 -22.85 0.86
N GLU A 34 -9.69 -23.48 -0.32
CA GLU A 34 -8.46 -24.02 -0.96
C GLU A 34 -7.54 -22.87 -1.41
N ARG A 35 -8.12 -21.83 -2.01
CA ARG A 35 -7.37 -20.67 -2.58
C ARG A 35 -6.71 -19.86 -1.45
N LEU A 36 -7.49 -19.47 -0.43
CA LEU A 36 -7.04 -18.57 0.66
C LEU A 36 -6.50 -19.37 1.85
N GLU A 37 -6.46 -20.71 1.75
CA GLU A 37 -5.95 -21.64 2.79
C GLU A 37 -6.68 -21.32 4.12
N GLN A 38 -8.02 -21.30 4.07
CA GLN A 38 -8.92 -21.04 5.22
C GLN A 38 -9.65 -22.34 5.56
N SER A 39 -10.06 -22.51 6.83
CA SER A 39 -10.84 -23.66 7.32
C SER A 39 -12.31 -23.50 6.88
N GLY A 40 -13.04 -24.61 6.74
CA GLY A 40 -14.48 -24.64 6.44
C GLY A 40 -15.27 -23.71 7.35
N PRO A 41 -15.10 -23.84 8.69
CA PRO A 41 -15.66 -22.87 9.65
C PRO A 41 -15.44 -21.39 9.29
N THR A 42 -14.17 -21.01 9.08
CA THR A 42 -13.73 -19.61 8.82
C THR A 42 -14.45 -19.05 7.59
N VAL A 43 -14.58 -19.85 6.52
CA VAL A 43 -15.21 -19.46 5.24
C VAL A 43 -16.70 -19.20 5.47
N SER A 44 -17.40 -20.15 6.10
CA SER A 44 -18.86 -20.08 6.39
C SER A 44 -19.18 -18.83 7.21
N GLN A 45 -18.32 -18.47 8.18
CA GLN A 45 -18.49 -17.29 9.06
C GLN A 45 -18.23 -16.01 8.25
N THR A 46 -17.19 -16.00 7.42
CA THR A 46 -16.79 -14.84 6.57
C THR A 46 -17.90 -14.57 5.54
N VAL A 47 -18.38 -15.62 4.87
CA VAL A 47 -19.48 -15.56 3.86
C VAL A 47 -20.74 -14.98 4.52
N ALA A 48 -21.03 -15.41 5.76
CA ALA A 48 -22.15 -14.95 6.60
C ALA A 48 -22.04 -13.44 6.86
N ARG A 49 -20.85 -12.98 7.24
CA ARG A 49 -20.55 -11.55 7.56
C ARG A 49 -20.71 -10.69 6.30
N MET A 50 -20.45 -11.24 5.12
CA MET A 50 -20.39 -10.51 3.82
C MET A 50 -21.79 -10.35 3.23
N GLU A 51 -22.63 -11.40 3.29
CA GLU A 51 -24.03 -11.38 2.78
C GLU A 51 -24.84 -10.37 3.59
N ARG A 52 -24.57 -10.26 4.89
CA ARG A 52 -25.15 -9.27 5.83
C ARG A 52 -24.83 -7.85 5.35
N ASP A 53 -23.56 -7.61 4.96
CA ASP A 53 -23.05 -6.30 4.49
C ASP A 53 -23.47 -6.08 3.03
N GLY A 54 -24.22 -7.02 2.43
CA GLY A 54 -24.85 -6.89 1.11
C GLY A 54 -23.83 -6.93 -0.01
N LEU A 55 -22.84 -7.83 0.10
CA LEU A 55 -21.69 -7.96 -0.83
C LEU A 55 -21.86 -9.20 -1.70
N LEU A 56 -22.25 -10.34 -1.12
CA LEU A 56 -22.57 -11.60 -1.87
C LEU A 56 -23.96 -12.10 -1.46
N THR A 57 -24.43 -13.19 -2.09
CA THR A 57 -25.77 -13.79 -1.88
C THR A 57 -25.63 -15.29 -1.59
N GLU A 60 -30.00 -21.24 -6.43
CA GLU A 60 -28.81 -22.00 -6.90
C GLU A 60 -28.11 -22.65 -5.71
N ASP A 61 -27.69 -23.91 -5.86
CA ASP A 61 -27.04 -24.74 -4.81
C ASP A 61 -28.00 -24.91 -3.63
N LEU A 64 -21.74 -19.44 -5.14
CA LEU A 64 -21.82 -18.06 -4.57
C LEU A 64 -21.87 -17.04 -5.71
N GLU A 65 -22.53 -15.90 -5.47
CA GLU A 65 -22.67 -14.79 -6.46
C GLU A 65 -22.53 -13.45 -5.74
N LEU A 66 -21.81 -12.50 -6.36
CA LEU A 66 -21.58 -11.13 -5.84
C LEU A 66 -22.81 -10.28 -6.12
N THR A 67 -23.12 -9.33 -5.22
CA THR A 67 -24.16 -8.28 -5.40
C THR A 67 -23.57 -7.16 -6.26
N LYS A 68 -24.39 -6.17 -6.62
CA LYS A 68 -23.95 -4.96 -7.38
C LYS A 68 -22.89 -4.20 -6.56
N ALA A 69 -23.02 -4.20 -5.23
CA ALA A 69 -22.08 -3.56 -4.28
C ALA A 69 -20.79 -4.40 -4.19
N GLY A 70 -20.93 -5.70 -3.96
CA GLY A 70 -19.81 -6.66 -3.84
C GLY A 70 -19.02 -6.75 -5.14
N ARG A 71 -19.71 -6.72 -6.28
CA ARG A 71 -19.09 -6.75 -7.64
C ARG A 71 -18.22 -5.51 -7.83
N ALA A 72 -18.75 -4.32 -7.49
CA ALA A 72 -18.07 -3.01 -7.58
C ALA A 72 -16.83 -3.00 -6.67
N ARG A 73 -16.97 -3.54 -5.45
CA ARG A 73 -15.89 -3.62 -4.44
C ARG A 73 -14.82 -4.61 -4.94
N ALA A 74 -15.25 -5.78 -5.45
CA ALA A 74 -14.37 -6.82 -6.03
C ALA A 74 -13.54 -6.21 -7.17
N ILE A 75 -14.19 -5.42 -8.04
CA ILE A 75 -13.57 -4.78 -9.24
C ILE A 75 -12.57 -3.70 -8.79
N SER A 76 -12.95 -2.87 -7.81
CA SER A 76 -12.10 -1.77 -7.28
C SER A 76 -10.82 -2.35 -6.67
N VAL A 77 -10.92 -3.51 -6.00
CA VAL A 77 -9.75 -4.24 -5.42
C VAL A 77 -8.85 -4.72 -6.56
N MET A 78 -9.43 -5.37 -7.58
CA MET A 78 -8.71 -5.91 -8.75
C MET A 78 -8.02 -4.76 -9.51
N ARG A 79 -8.72 -3.64 -9.67
CA ARG A 79 -8.23 -2.41 -10.37
C ARG A 79 -6.96 -1.92 -9.66
N LYS A 80 -7.02 -1.78 -8.34
CA LYS A 80 -5.88 -1.35 -7.47
C LYS A 80 -4.73 -2.33 -7.64
N HIS A 81 -5.01 -3.63 -7.53
CA HIS A 81 -4.04 -4.75 -7.68
C HIS A 81 -3.24 -4.58 -8.98
N ARG A 82 -3.94 -4.40 -10.10
CA ARG A 82 -3.34 -4.44 -11.46
C ARG A 82 -2.65 -3.11 -11.76
N LEU A 83 -3.20 -1.98 -11.29
CA LEU A 83 -2.52 -0.65 -11.34
C LEU A 83 -1.25 -0.70 -10.49
N ALA A 84 -1.29 -1.38 -9.34
CA ALA A 84 -0.12 -1.59 -8.44
C ALA A 84 0.93 -2.44 -9.15
N GLU A 85 0.51 -3.49 -9.86
CA GLU A 85 1.41 -4.43 -10.59
C GLU A 85 2.17 -3.67 -11.69
N ARG A 86 1.48 -2.80 -12.43
CA ARG A 86 2.09 -1.95 -13.49
C ARG A 86 3.14 -1.02 -12.85
N LEU A 87 2.75 -0.29 -11.80
CA LEU A 87 3.64 0.62 -11.03
C LEU A 87 4.90 -0.13 -10.60
N LEU A 88 4.73 -1.34 -10.07
CA LEU A 88 5.83 -2.16 -9.48
C LEU A 88 6.82 -2.60 -10.58
N VAL A 89 6.30 -2.96 -11.76
CA VAL A 89 7.11 -3.48 -12.90
C VAL A 89 7.71 -2.29 -13.68
N ASP A 90 6.85 -1.36 -14.10
CA ASP A 90 7.18 -0.32 -15.12
C ASP A 90 8.01 0.81 -14.51
N VAL A 91 7.77 1.16 -13.24
CA VAL A 91 8.38 2.35 -12.58
C VAL A 91 9.38 1.90 -11.50
N ILE A 92 8.90 1.16 -10.50
CA ILE A 92 9.71 0.75 -9.30
C ILE A 92 10.77 -0.27 -9.73
N GLY A 93 10.44 -1.18 -10.65
CA GLY A 93 11.38 -2.16 -11.21
C GLY A 93 11.57 -3.36 -10.30
N LEU A 94 10.51 -3.81 -9.63
CA LEU A 94 10.49 -5.07 -8.82
C LEU A 94 10.44 -6.25 -9.78
N GLU A 95 11.01 -7.40 -9.38
CA GLU A 95 11.16 -8.61 -10.24
C GLU A 95 9.78 -9.15 -10.62
N TRP A 96 9.63 -9.55 -11.88
CA TRP A 96 8.36 -10.01 -12.53
C TRP A 96 7.65 -11.04 -11.65
N GLU A 97 8.39 -11.94 -11.00
CA GLU A 97 7.85 -13.10 -10.26
C GLU A 97 7.43 -12.71 -8.84
N GLN A 98 7.90 -11.56 -8.32
CA GLN A 98 7.68 -11.10 -6.92
C GLN A 98 6.57 -10.05 -6.84
N VAL A 99 6.11 -9.52 -7.99
CA VAL A 99 5.25 -8.30 -8.07
C VAL A 99 3.83 -8.62 -7.57
N HIS A 100 3.27 -9.79 -7.91
CA HIS A 100 1.88 -10.18 -7.55
C HIS A 100 1.73 -10.28 -6.03
N LEU A 101 2.71 -10.89 -5.36
CA LEU A 101 2.72 -11.07 -3.88
C LEU A 101 2.62 -9.69 -3.21
N GLU A 102 3.34 -8.71 -3.75
CA GLU A 102 3.36 -7.30 -3.25
C GLU A 102 2.00 -6.66 -3.51
N ALA A 103 1.46 -6.83 -4.72
CA ALA A 103 0.16 -6.26 -5.18
C ALA A 103 -1.00 -6.84 -4.39
N ARG A 105 -1.06 -7.32 -1.29
CA ARG A 105 -1.21 -6.53 -0.08
C ARG A 105 -1.58 -5.08 -0.42
N TRP A 106 -0.89 -4.49 -1.41
CA TRP A 106 -1.05 -3.06 -1.84
C TRP A 106 -2.50 -2.78 -2.24
N GLU A 107 -3.18 -3.75 -2.85
CA GLU A 107 -4.57 -3.62 -3.38
C GLU A 107 -5.55 -3.19 -2.27
N HIS A 108 -5.24 -3.48 -1.01
CA HIS A 108 -6.16 -3.29 0.16
C HIS A 108 -5.95 -1.92 0.82
N VAL A 109 -4.92 -1.16 0.43
CA VAL A 109 -4.52 0.10 1.12
C VAL A 109 -4.49 1.30 0.16
N MET A 110 -4.78 1.11 -1.13
CA MET A 110 -4.70 2.18 -2.17
C MET A 110 -6.04 2.92 -2.25
N SER A 111 -6.00 4.25 -2.15
CA SER A 111 -7.17 5.14 -2.34
C SER A 111 -7.48 5.26 -3.83
N GLU A 112 -8.72 5.67 -4.17
CA GLU A 112 -9.11 6.03 -5.57
C GLU A 112 -8.29 7.24 -6.02
N ALA A 113 -7.89 8.11 -5.07
CA ALA A 113 -7.08 9.33 -5.32
C ALA A 113 -5.72 8.95 -5.94
N VAL A 114 -5.01 8.00 -5.34
CA VAL A 114 -3.65 7.56 -5.80
C VAL A 114 -3.80 6.79 -7.12
N GLU A 115 -4.90 6.08 -7.31
CA GLU A 115 -5.21 5.33 -8.56
C GLU A 115 -5.23 6.31 -9.75
N ARG A 116 -6.00 7.40 -9.64
CA ARG A 116 -6.13 8.45 -10.69
C ARG A 116 -4.73 8.97 -11.06
N LYS A 117 -3.86 9.18 -10.06
CA LYS A 117 -2.45 9.61 -10.26
C LYS A 117 -1.68 8.51 -11.02
N LEU A 118 -1.85 7.25 -10.61
CA LEU A 118 -1.17 6.07 -11.23
C LEU A 118 -1.65 5.90 -12.67
N VAL A 119 -2.94 6.14 -12.94
CA VAL A 119 -3.54 6.04 -14.31
C VAL A 119 -2.83 7.05 -15.21
N LYS A 120 -2.67 8.30 -14.75
CA LYS A 120 -2.00 9.40 -15.49
C LYS A 120 -0.51 9.07 -15.66
N LEU A 121 0.14 8.60 -14.59
CA LEU A 121 1.59 8.26 -14.56
C LEU A 121 1.90 7.16 -15.58
N LEU A 122 1.09 6.10 -15.58
CA LEU A 122 1.30 4.86 -16.39
C LEU A 122 0.71 5.03 -17.79
N GLY A 123 -0.02 6.13 -18.03
CA GLY A 123 -0.57 6.51 -19.35
C GLY A 123 -1.77 5.67 -19.72
N ASN A 124 -2.85 5.77 -18.92
CA ASN A 124 -4.15 5.08 -19.14
C ASN A 124 -3.90 3.62 -19.50
N PRO A 125 -3.30 2.80 -18.60
CA PRO A 125 -3.07 1.40 -18.87
C PRO A 125 -4.39 0.62 -18.88
N THR A 126 -4.51 -0.37 -19.79
CA THR A 126 -5.72 -1.20 -19.99
C THR A 126 -5.52 -2.60 -19.37
N THR A 127 -4.27 -3.09 -19.32
CA THR A 127 -3.92 -4.45 -18.85
C THR A 127 -2.87 -4.38 -17.74
N SER A 128 -2.76 -5.46 -16.95
CA SER A 128 -1.66 -5.68 -15.97
C SER A 128 -0.43 -6.17 -16.73
N PRO A 129 0.76 -6.26 -16.09
CA PRO A 129 1.94 -6.82 -16.73
C PRO A 129 1.79 -8.29 -17.14
N TYR A 130 0.75 -8.95 -16.63
CA TYR A 130 0.42 -10.39 -16.89
C TYR A 130 -0.74 -10.49 -17.89
N GLY A 131 -1.07 -9.39 -18.57
CA GLY A 131 -1.97 -9.35 -19.73
C GLY A 131 -3.44 -9.25 -19.34
N ASN A 132 -3.76 -9.33 -18.04
CA ASN A 132 -5.15 -9.30 -17.52
C ASN A 132 -5.68 -7.88 -17.64
N PRO A 133 -6.91 -7.67 -18.17
CA PRO A 133 -7.46 -6.33 -18.31
C PRO A 133 -7.75 -5.69 -16.95
N ILE A 134 -7.57 -4.36 -16.85
CA ILE A 134 -7.82 -3.55 -15.63
C ILE A 134 -9.28 -3.13 -15.64
N PRO A 135 -10.13 -3.66 -14.73
CA PRO A 135 -11.55 -3.31 -14.70
C PRO A 135 -11.85 -2.04 -13.88
N GLY A 136 -13.10 -1.56 -13.95
CA GLY A 136 -13.64 -0.48 -13.10
C GLY A 136 -13.01 0.88 -13.37
N LEU A 137 -12.43 1.09 -14.56
CA LEU A 137 -11.83 2.39 -14.97
C LEU A 137 -12.95 3.39 -15.30
N ASP A 138 -14.19 2.91 -15.45
CA ASP A 138 -15.40 3.75 -15.65
C ASP A 138 -15.89 4.26 -14.29
N GLU A 139 -15.85 3.42 -13.24
CA GLU A 139 -16.27 3.75 -11.86
C GLU A 139 -15.25 4.72 -11.24
N LEU A 140 -13.97 4.54 -11.58
CA LEU A 140 -12.88 5.50 -11.23
C LEU A 140 -13.08 6.79 -12.03
N GLY A 141 -13.54 6.67 -13.27
CA GLY A 141 -13.93 7.79 -14.15
C GLY A 141 -12.76 8.30 -15.00
N VAL A 142 -11.97 7.39 -15.57
CA VAL A 142 -10.76 7.73 -16.38
C VAL A 142 -10.60 6.79 -17.58
N GLY A 143 -11.61 5.96 -17.91
CA GLY A 143 -11.55 5.00 -19.02
C GLY A 143 -12.81 4.17 -19.17
N ASP A 144 -12.76 3.14 -20.02
CA ASP A 144 -13.90 2.25 -20.36
C ASP A 144 -13.87 1.00 -19.47
N SER A 145 -15.06 0.43 -19.19
CA SER A 145 -15.23 -0.88 -18.50
C SER A 145 -14.77 -2.00 -19.43
N VAL A 146 -14.55 -3.20 -18.87
CA VAL A 146 -14.09 -4.41 -19.61
C VAL A 146 -14.95 -5.61 -19.19
N GLU A 147 -15.06 -6.62 -20.06
CA GLU A 147 -15.68 -7.93 -19.75
C GLU A 147 -14.68 -8.76 -18.94
N PRO A 148 -15.10 -9.41 -17.83
CA PRO A 148 -14.23 -10.33 -17.10
C PRO A 148 -13.50 -11.33 -18.01
N VAL A 149 -14.20 -11.89 -18.99
CA VAL A 149 -13.69 -12.91 -19.97
C VAL A 149 -13.86 -12.36 -21.39
N ASP A 150 -12.79 -12.41 -22.19
CA ASP A 150 -12.81 -12.18 -23.66
C ASP A 150 -13.17 -13.51 -24.33
N THR A 151 -14.25 -13.53 -25.12
CA THR A 151 -14.83 -14.74 -25.76
C THR A 151 -13.92 -15.23 -26.89
N ASP A 152 -13.09 -14.35 -27.47
CA ASP A 152 -12.14 -14.67 -28.57
C ASP A 152 -11.03 -15.57 -28.03
N LEU A 153 -10.61 -15.39 -26.77
CA LEU A 153 -9.47 -16.10 -26.15
C LEU A 153 -9.89 -17.51 -25.76
N ARG A 154 -8.94 -18.46 -25.81
CA ARG A 154 -9.13 -19.89 -25.44
C ARG A 154 -8.13 -20.23 -24.32
N ARG A 155 -8.48 -21.24 -23.50
CA ARG A 155 -7.66 -21.70 -22.34
C ARG A 155 -6.70 -22.79 -22.83
N VAL A 156 -5.46 -22.80 -22.33
CA VAL A 156 -4.35 -23.69 -22.79
C VAL A 156 -4.76 -25.15 -22.61
N ASP A 157 -5.55 -25.47 -21.58
CA ASP A 157 -6.03 -26.85 -21.29
C ASP A 157 -7.09 -27.25 -22.33
N GLU A 158 -7.94 -26.30 -22.75
CA GLU A 158 -8.99 -26.51 -23.78
C GLU A 158 -8.31 -26.72 -25.14
N VAL A 159 -7.39 -25.84 -25.52
CA VAL A 159 -6.63 -25.89 -26.81
C VAL A 159 -5.93 -27.26 -26.91
N ALA A 160 -5.32 -27.73 -25.82
CA ALA A 160 -4.56 -29.00 -25.73
C ALA A 160 -5.52 -30.19 -25.93
N ARG A 161 -6.59 -30.25 -25.14
CA ARG A 161 -7.61 -31.34 -25.17
C ARG A 161 -8.28 -31.40 -26.54
N SER A 162 -8.38 -30.26 -27.24
CA SER A 162 -9.07 -30.12 -28.56
C SER A 162 -8.10 -30.46 -29.71
N GLY A 163 -6.84 -30.77 -29.41
CA GLY A 163 -5.84 -31.22 -30.39
C GLY A 163 -4.61 -30.32 -30.47
N GLY A 164 -4.49 -29.34 -29.56
CA GLY A 164 -3.33 -28.44 -29.47
C GLY A 164 -3.29 -27.42 -30.60
N GLY A 165 -2.10 -26.87 -30.88
CA GLY A 165 -1.87 -25.87 -31.94
C GLY A 165 -1.08 -24.68 -31.42
N ARG A 166 -0.56 -23.86 -32.34
CA ARG A 166 0.20 -22.62 -32.04
C ARG A 166 -0.78 -21.53 -31.60
N ALA A 167 -0.42 -20.74 -30.57
CA ALA A 167 -1.29 -19.69 -29.98
C ALA A 167 -0.43 -18.55 -29.41
N LEU A 168 -1.03 -17.36 -29.30
CA LEU A 168 -0.42 -16.14 -28.72
C LEU A 168 -0.85 -16.03 -27.25
N VAL A 169 0.13 -15.97 -26.33
CA VAL A 169 -0.11 -15.79 -24.86
C VAL A 169 -0.71 -14.39 -24.65
N CYS A 170 -1.89 -14.33 -24.02
CA CYS A 170 -2.67 -13.09 -23.78
C CYS A 170 -2.77 -12.78 -22.28
N ARG A 171 -3.19 -13.75 -21.47
CA ARG A 171 -3.48 -13.55 -20.02
C ARG A 171 -2.93 -14.71 -19.18
N ILE A 172 -2.30 -14.37 -18.05
CA ILE A 172 -1.95 -15.31 -16.95
C ILE A 172 -2.74 -14.88 -15.71
N ALA A 173 -3.71 -15.70 -15.28
CA ALA A 173 -4.66 -15.36 -14.18
C ALA A 173 -3.91 -15.25 -12.85
N GLU A 174 -4.53 -14.57 -11.88
CA GLU A 174 -3.93 -14.24 -10.56
C GLU A 174 -3.53 -15.52 -9.82
N HIS A 175 -4.32 -16.60 -9.99
CA HIS A 175 -4.12 -17.92 -9.34
C HIS A 175 -2.73 -18.48 -9.69
N VAL A 176 -2.28 -18.29 -10.93
CA VAL A 176 -0.94 -18.75 -11.42
C VAL A 176 0.16 -17.95 -10.71
N GLN A 177 -0.09 -16.67 -10.46
CA GLN A 177 0.93 -15.68 -10.00
C GLN A 177 1.29 -15.89 -8.53
N LEU A 178 0.53 -16.71 -7.80
CA LEU A 178 0.78 -17.08 -6.38
C LEU A 178 2.03 -17.98 -6.27
N ASP A 179 2.49 -18.55 -7.39
CA ASP A 179 3.70 -19.43 -7.45
C ASP A 179 4.83 -18.67 -8.15
N PRO A 180 5.75 -18.03 -7.41
CA PRO A 180 6.85 -17.26 -8.03
C PRO A 180 7.79 -18.13 -8.87
N ASP A 181 8.09 -19.35 -8.40
CA ASP A 181 8.98 -20.33 -9.10
C ASP A 181 8.40 -20.62 -10.50
N LEU A 182 7.09 -20.88 -10.56
CA LEU A 182 6.35 -21.16 -11.83
C LEU A 182 6.42 -19.94 -12.74
N MET A 183 6.16 -18.74 -12.20
CA MET A 183 6.22 -17.46 -12.94
C MET A 183 7.64 -17.23 -13.50
N SER A 184 8.66 -17.71 -12.78
CA SER A 184 10.09 -17.64 -13.21
C SER A 184 10.31 -18.55 -14.44
N GLU A 185 9.80 -19.79 -14.39
CA GLU A 185 9.86 -20.78 -15.50
C GLU A 185 9.21 -20.15 -16.75
N LEU A 186 7.98 -19.65 -16.63
CA LEU A 186 7.17 -19.07 -17.74
C LEU A 186 7.97 -17.92 -18.38
N LYS A 187 8.60 -17.07 -17.57
CA LYS A 187 9.42 -15.93 -18.03
C LYS A 187 10.60 -16.45 -18.86
N LYS A 188 11.31 -17.47 -18.35
CA LYS A 188 12.53 -18.05 -18.97
C LYS A 188 12.18 -18.66 -20.33
N VAL A 189 11.20 -19.58 -20.35
CA VAL A 189 10.80 -20.36 -21.56
C VAL A 189 10.10 -19.42 -22.56
N GLY A 190 9.49 -18.34 -22.07
CA GLY A 190 8.91 -17.25 -22.89
C GLY A 190 7.40 -17.32 -22.99
N VAL A 191 6.73 -17.94 -22.00
CA VAL A 191 5.24 -17.95 -21.87
C VAL A 191 4.82 -16.66 -21.17
N VAL A 192 4.85 -15.54 -21.90
CA VAL A 192 4.56 -14.17 -21.38
C VAL A 192 3.64 -13.46 -22.36
N PRO A 193 2.74 -12.57 -21.88
CA PRO A 193 1.82 -11.83 -22.75
C PRO A 193 2.54 -11.22 -23.98
N GLY A 194 2.05 -11.54 -25.18
CA GLY A 194 2.54 -10.99 -26.46
C GLY A 194 3.46 -11.96 -27.20
N ASN A 195 3.91 -13.04 -26.55
CA ASN A 195 4.81 -14.07 -27.14
C ASN A 195 3.98 -15.26 -27.62
N GLU A 196 4.35 -15.84 -28.77
CA GLU A 196 3.69 -17.03 -29.38
C GLU A 196 4.25 -18.29 -28.73
N ILE A 197 3.41 -19.32 -28.56
CA ILE A 197 3.75 -20.63 -27.95
C ILE A 197 3.11 -21.75 -28.76
N ASP A 198 3.64 -22.98 -28.64
CA ASP A 198 3.08 -24.21 -29.26
C ASP A 198 2.51 -25.10 -28.13
N ILE A 199 1.19 -25.27 -28.12
CA ILE A 199 0.45 -26.12 -27.13
C ILE A 199 0.31 -27.53 -27.72
N VAL A 200 0.92 -28.52 -27.07
CA VAL A 200 0.93 -29.95 -27.52
C VAL A 200 -0.42 -30.58 -27.13
N ALA A 201 -0.88 -31.54 -27.93
CA ALA A 201 -2.16 -32.28 -27.72
C ALA A 201 -2.01 -33.21 -26.52
N VAL A 202 -3.14 -33.62 -25.91
CA VAL A 202 -3.20 -34.52 -24.72
C VAL A 202 -4.41 -35.44 -24.85
N ASN A 206 -7.22 -34.24 -16.61
CA ASN A 206 -6.29 -34.66 -15.52
C ASN A 206 -5.05 -35.30 -16.15
N LYS A 207 -4.25 -34.48 -16.85
CA LYS A 207 -2.95 -34.85 -17.47
C LYS A 207 -2.19 -33.55 -17.73
N PRO A 208 -0.86 -33.48 -17.42
CA PRO A 208 -0.10 -32.24 -17.58
C PRO A 208 -0.05 -31.79 -19.04
N ILE A 209 -0.23 -30.48 -19.27
CA ILE A 209 -0.23 -29.84 -20.63
C ILE A 209 1.20 -29.40 -20.94
N GLN A 210 1.78 -29.90 -22.04
CA GLN A 210 3.13 -29.52 -22.52
C GLN A 210 3.00 -28.23 -23.35
N VAL A 211 3.66 -27.16 -22.90
CA VAL A 211 3.74 -25.85 -23.60
C VAL A 211 5.20 -25.63 -24.03
N GLN A 212 5.41 -25.13 -25.26
CA GLN A 212 6.74 -24.99 -25.88
C GLN A 212 6.90 -23.57 -26.41
N GLY A 213 7.82 -22.80 -25.82
CA GLY A 213 8.19 -21.43 -26.25
C GLY A 213 9.34 -21.46 -27.24
N SER A 214 9.89 -20.28 -27.57
CA SER A 214 11.03 -20.09 -28.50
C SER A 214 12.31 -20.69 -27.89
N GLU A 215 12.57 -20.38 -26.62
CA GLU A 215 13.80 -20.79 -25.88
C GLU A 215 13.70 -22.27 -25.49
N GLY A 216 12.58 -22.67 -24.87
CA GLY A 216 12.34 -24.06 -24.43
C GLY A 216 10.86 -24.35 -24.25
N GLY A 217 10.50 -24.97 -23.12
CA GLY A 217 9.12 -25.34 -22.78
C GLY A 217 8.99 -25.72 -21.31
N THR A 218 7.79 -26.14 -20.90
CA THR A 218 7.46 -26.54 -19.49
C THR A 218 6.13 -27.30 -19.47
N GLN A 219 5.86 -28.03 -18.38
CA GLN A 219 4.62 -28.82 -18.16
C GLN A 219 3.72 -28.07 -17.17
N LEU A 220 2.51 -27.70 -17.61
CA LEU A 220 1.49 -27.00 -16.78
C LEU A 220 0.45 -28.02 -16.31
N GLN A 221 0.10 -27.97 -15.02
CA GLN A 221 -1.00 -28.79 -14.42
C GLN A 221 -2.33 -28.28 -14.99
N PRO A 222 -3.35 -29.16 -15.13
CA PRO A 222 -4.65 -28.75 -15.68
C PRO A 222 -5.19 -27.43 -15.10
N GLY A 223 -5.16 -27.28 -13.77
CA GLY A 223 -5.61 -26.08 -13.05
C GLY A 223 -4.86 -24.84 -13.49
N ILE A 224 -3.54 -24.96 -13.73
CA ILE A 224 -2.64 -23.86 -14.17
C ILE A 224 -2.93 -23.54 -15.64
N ALA A 225 -2.90 -24.56 -16.50
CA ALA A 225 -3.18 -24.46 -17.95
C ALA A 225 -4.51 -23.74 -18.18
N HIS A 226 -5.56 -24.14 -17.44
CA HIS A 226 -6.93 -23.57 -17.49
C HIS A 226 -6.89 -22.05 -17.24
N ALA A 227 -6.01 -21.60 -16.34
CA ALA A 227 -5.90 -20.19 -15.89
C ALA A 227 -5.20 -19.35 -16.96
N VAL A 228 -4.34 -19.95 -17.79
CA VAL A 228 -3.60 -19.26 -18.88
C VAL A 228 -4.51 -19.20 -20.11
N MET A 229 -4.75 -18.00 -20.65
CA MET A 229 -5.66 -17.75 -21.81
C MET A 229 -4.85 -17.24 -22.99
N VAL A 230 -5.11 -17.77 -24.18
CA VAL A 230 -4.30 -17.55 -25.41
C VAL A 230 -5.23 -17.22 -26.59
N ARG A 231 -4.68 -16.62 -27.64
CA ARG A 231 -5.35 -16.42 -28.95
C ARG A 231 -4.75 -17.42 -29.95
N VAL A 232 -5.57 -18.37 -30.42
CA VAL A 232 -5.16 -19.46 -31.36
C VAL A 232 -5.06 -18.87 -32.76
N LYS A 233 -3.91 -19.05 -33.42
CA LYS A 233 -3.60 -18.50 -34.78
C LYS A 233 -4.29 -19.37 -35.83
N ASP B 5 -8.64 -0.60 9.42
CA ASP B 5 -8.72 0.89 9.54
C ASP B 5 -7.31 1.44 9.77
N LEU B 6 -6.65 1.00 10.85
CA LEU B 6 -5.22 1.29 11.15
C LEU B 6 -4.33 0.34 10.34
N ILE B 7 -4.91 -0.73 9.79
CA ILE B 7 -4.27 -1.75 8.91
C ILE B 7 -3.47 -2.72 9.79
N ASP B 8 -2.53 -2.21 10.59
CA ASP B 8 -1.74 -2.99 11.59
C ASP B 8 -1.66 -2.19 12.89
N THR B 9 -2.50 -2.55 13.87
CA THR B 9 -2.68 -1.86 15.18
C THR B 9 -1.33 -1.78 15.91
N THR B 10 -0.69 -2.93 16.13
CA THR B 10 0.61 -3.07 16.85
C THR B 10 1.64 -2.10 16.24
N GLU B 11 1.75 -2.07 14.91
CA GLU B 11 2.72 -1.23 14.17
C GLU B 11 2.39 0.26 14.38
N MET B 12 1.11 0.61 14.43
CA MET B 12 0.65 2.02 14.60
C MET B 12 0.92 2.49 16.03
N TYR B 13 0.73 1.63 17.03
CA TYR B 13 1.03 1.94 18.47
C TYR B 13 2.54 2.15 18.63
N LEU B 14 3.35 1.26 18.03
CA LEU B 14 4.84 1.34 18.04
C LEU B 14 5.30 2.66 17.40
N ARG B 15 4.74 3.01 16.25
CA ARG B 15 5.16 4.21 15.47
C ARG B 15 4.61 5.49 16.12
N THR B 16 3.45 5.42 16.79
CA THR B 16 2.84 6.57 17.52
C THR B 16 3.73 6.94 18.72
N ILE B 17 4.26 5.96 19.44
CA ILE B 17 5.20 6.17 20.58
C ILE B 17 6.50 6.77 20.03
N TYR B 18 6.95 6.28 18.87
CA TYR B 18 8.16 6.76 18.14
C TYR B 18 7.93 8.19 17.64
N ASP B 19 6.72 8.49 17.17
CA ASP B 19 6.28 9.85 16.73
C ASP B 19 6.42 10.83 17.89
N LEU B 20 5.83 10.48 19.05
CA LEU B 20 5.78 11.34 20.27
C LEU B 20 7.21 11.63 20.74
N GLU B 21 8.09 10.64 20.66
CA GLU B 21 9.55 10.79 20.97
C GLU B 21 10.16 11.85 20.05
N GLU B 22 9.94 11.73 18.74
CA GLU B 22 10.50 12.64 17.70
C GLU B 22 9.96 14.06 17.90
N GLU B 23 8.71 14.18 18.36
CA GLU B 23 7.98 15.47 18.54
C GLU B 23 8.28 16.10 19.91
N GLY B 24 9.10 15.43 20.74
CA GLY B 24 9.39 15.87 22.12
C GLY B 24 8.11 16.03 22.92
N VAL B 25 7.26 14.99 22.89
CA VAL B 25 5.98 14.91 23.65
C VAL B 25 6.05 13.64 24.53
N VAL B 26 5.66 13.76 25.80
CA VAL B 26 5.73 12.65 26.80
C VAL B 26 4.73 11.58 26.37
N PRO B 27 5.18 10.33 26.08
CA PRO B 27 4.30 9.29 25.56
C PRO B 27 3.37 8.68 26.63
N LEU B 28 2.12 9.14 26.69
CA LEU B 28 1.06 8.64 27.59
C LEU B 28 -0.06 8.01 26.75
N ARG B 29 -0.87 7.13 27.36
CA ARG B 29 -2.02 6.46 26.71
C ARG B 29 -2.97 7.50 26.13
N ALA B 30 -3.15 8.63 26.82
CA ALA B 30 -3.99 9.78 26.40
C ALA B 30 -3.54 10.28 25.02
N ARG B 31 -2.23 10.32 24.76
CA ARG B 31 -1.64 10.78 23.48
C ARG B 31 -2.00 9.80 22.36
N ILE B 32 -1.88 8.50 22.63
CA ILE B 32 -2.17 7.40 21.65
C ILE B 32 -3.67 7.45 21.29
N ALA B 33 -4.53 7.65 22.29
CA ALA B 33 -6.01 7.76 22.15
C ALA B 33 -6.36 8.95 21.24
N GLU B 34 -5.65 10.07 21.38
CA GLU B 34 -5.85 11.30 20.58
C GLU B 34 -5.39 11.06 19.13
N ARG B 35 -4.20 10.48 18.95
CA ARG B 35 -3.54 10.30 17.63
C ARG B 35 -4.29 9.26 16.80
N LEU B 36 -4.59 8.09 17.38
CA LEU B 36 -5.18 6.93 16.68
C LEU B 36 -6.71 6.90 16.84
N GLU B 37 -7.30 7.91 17.49
CA GLU B 37 -8.76 8.06 17.72
C GLU B 37 -9.33 6.75 18.31
N GLN B 38 -8.61 6.17 19.28
CA GLN B 38 -9.01 4.93 20.01
C GLN B 38 -9.71 5.33 21.32
N SER B 39 -10.54 4.43 21.87
CA SER B 39 -11.17 4.58 23.20
C SER B 39 -10.15 4.19 24.28
N GLY B 40 -10.23 4.84 25.45
CA GLY B 40 -9.38 4.56 26.63
C GLY B 40 -9.25 3.06 26.90
N PRO B 41 -10.37 2.32 27.00
CA PRO B 41 -10.33 0.87 27.22
C PRO B 41 -9.50 0.11 26.18
N THR B 42 -9.64 0.46 24.90
CA THR B 42 -8.93 -0.16 23.74
C THR B 42 -7.42 0.05 23.91
N VAL B 43 -7.00 1.29 24.17
CA VAL B 43 -5.56 1.70 24.29
C VAL B 43 -4.90 0.90 25.42
N SER B 44 -5.54 0.87 26.60
CA SER B 44 -5.03 0.20 27.84
C SER B 44 -4.83 -1.29 27.58
N GLN B 45 -5.79 -1.95 26.92
CA GLN B 45 -5.77 -3.40 26.61
C GLN B 45 -4.63 -3.70 25.64
N THR B 46 -4.45 -2.85 24.62
CA THR B 46 -3.41 -2.97 23.56
C THR B 46 -2.02 -2.83 24.17
N VAL B 47 -1.79 -1.77 24.94
CA VAL B 47 -0.49 -1.45 25.60
C VAL B 47 -0.09 -2.61 26.52
N ALA B 48 -1.07 -3.16 27.25
CA ALA B 48 -0.90 -4.31 28.18
C ALA B 48 -0.37 -5.53 27.41
N ARG B 49 -1.01 -5.86 26.29
CA ARG B 49 -0.66 -7.02 25.42
C ARG B 49 0.73 -6.82 24.81
N MET B 50 1.07 -5.58 24.41
CA MET B 50 2.35 -5.24 23.75
C MET B 50 3.52 -5.37 24.76
N GLU B 51 3.27 -5.05 26.03
CA GLU B 51 4.26 -5.21 27.13
C GLU B 51 4.57 -6.71 27.32
N ARG B 52 3.54 -7.56 27.33
CA ARG B 52 3.65 -9.04 27.45
C ARG B 52 4.50 -9.60 26.31
N ASP B 53 4.40 -9.01 25.11
CA ASP B 53 5.12 -9.46 23.89
C ASP B 53 6.53 -8.83 23.85
N GLY B 54 6.85 -7.97 24.82
CA GLY B 54 8.19 -7.39 25.01
C GLY B 54 8.50 -6.28 24.01
N LEU B 55 7.49 -5.49 23.66
CA LEU B 55 7.59 -4.39 22.65
C LEU B 55 7.80 -3.03 23.35
N LEU B 56 7.20 -2.85 24.53
CA LEU B 56 7.32 -1.60 25.33
C LEU B 56 7.38 -1.94 26.82
N THR B 57 7.66 -0.93 27.66
CA THR B 57 7.65 -0.98 29.14
C THR B 57 6.93 0.26 29.67
N VAL B 58 6.16 0.11 30.75
CA VAL B 58 5.44 1.23 31.44
C VAL B 58 6.28 1.66 32.65
N ALA B 59 6.71 2.93 32.68
CA ALA B 59 7.48 3.54 33.78
C ALA B 59 6.52 3.90 34.94
N GLU B 60 7.07 4.33 36.08
CA GLU B 60 6.29 4.75 37.28
C GLU B 60 5.58 6.07 36.98
N ASP B 61 6.16 6.91 36.10
CA ASP B 61 5.54 8.16 35.56
C ASP B 61 4.25 7.83 34.81
N ARG B 62 4.02 6.54 34.50
CA ARG B 62 2.88 6.03 33.67
C ARG B 62 3.23 6.23 32.19
N HIS B 63 4.47 6.63 31.88
CA HIS B 63 4.93 6.96 30.51
C HIS B 63 5.44 5.67 29.84
N LEU B 64 5.32 5.60 28.51
CA LEU B 64 5.60 4.39 27.70
C LEU B 64 7.00 4.50 27.09
N GLU B 65 7.76 3.41 27.15
CA GLU B 65 9.15 3.30 26.60
C GLU B 65 9.22 2.07 25.69
N LEU B 66 9.65 2.26 24.44
CA LEU B 66 9.88 1.15 23.47
C LEU B 66 11.09 0.33 23.94
N THR B 67 10.99 -1.00 23.86
CA THR B 67 12.13 -1.94 23.97
C THR B 67 12.99 -1.79 22.71
N LYS B 68 14.16 -2.45 22.67
CA LYS B 68 15.05 -2.45 21.47
C LYS B 68 14.33 -3.15 20.32
N ALA B 69 13.50 -4.16 20.65
CA ALA B 69 12.63 -4.91 19.72
C ALA B 69 11.56 -3.98 19.15
N GLY B 70 10.83 -3.28 20.03
CA GLY B 70 9.76 -2.33 19.66
C GLY B 70 10.27 -1.19 18.80
N ARG B 71 11.43 -0.63 19.16
CA ARG B 71 12.11 0.46 18.40
C ARG B 71 12.45 -0.04 16.99
N ALA B 72 13.09 -1.22 16.90
CA ALA B 72 13.52 -1.86 15.63
C ALA B 72 12.32 -2.00 14.69
N ARG B 73 11.18 -2.46 15.22
CA ARG B 73 9.92 -2.64 14.46
C ARG B 73 9.33 -1.27 14.09
N ALA B 74 9.37 -0.31 15.02
CA ALA B 74 8.89 1.08 14.82
C ALA B 74 9.70 1.76 13.71
N ILE B 75 11.03 1.56 13.72
CA ILE B 75 11.98 2.15 12.73
C ILE B 75 11.64 1.62 11.33
N SER B 76 11.40 0.31 11.19
CA SER B 76 11.11 -0.36 9.90
C SER B 76 9.82 0.21 9.29
N VAL B 77 8.76 0.37 10.12
CA VAL B 77 7.45 0.96 9.70
C VAL B 77 7.67 2.40 9.23
N MET B 78 8.38 3.21 10.02
CA MET B 78 8.67 4.63 9.74
C MET B 78 9.48 4.75 8.45
N ARG B 79 10.47 3.87 8.25
CA ARG B 79 11.32 3.81 7.03
C ARG B 79 10.43 3.61 5.80
N LYS B 80 9.52 2.63 5.87
CA LYS B 80 8.52 2.33 4.81
C LYS B 80 7.62 3.55 4.57
N HIS B 81 7.18 4.18 5.66
CA HIS B 81 6.28 5.37 5.65
C HIS B 81 6.91 6.49 4.81
N ARG B 82 8.17 6.84 5.10
CA ARG B 82 8.84 8.03 4.53
C ARG B 82 9.36 7.72 3.12
N LEU B 83 9.75 6.47 2.85
CA LEU B 83 10.10 5.99 1.47
C LEU B 83 8.83 6.02 0.60
N ALA B 84 7.68 5.70 1.18
CA ALA B 84 6.35 5.76 0.52
C ALA B 84 6.00 7.22 0.22
N GLU B 85 6.27 8.13 1.16
CA GLU B 85 5.94 9.58 1.05
C GLU B 85 6.76 10.20 -0.09
N ARG B 86 8.04 9.84 -0.22
CA ARG B 86 8.94 10.32 -1.29
C ARG B 86 8.40 9.83 -2.65
N LEU B 87 8.08 8.53 -2.76
CA LEU B 87 7.50 7.91 -3.97
C LEU B 87 6.20 8.64 -4.34
N LEU B 88 5.34 8.92 -3.35
CA LEU B 88 3.98 9.48 -3.57
C LEU B 88 4.06 10.94 -4.03
N VAL B 89 5.11 11.68 -3.62
CA VAL B 89 5.30 13.12 -3.97
C VAL B 89 6.14 13.22 -5.25
N ASP B 90 7.34 12.64 -5.24
CA ASP B 90 8.40 12.87 -6.26
C ASP B 90 8.06 12.16 -7.57
N VAL B 91 7.44 10.98 -7.51
CA VAL B 91 7.22 10.08 -8.69
C VAL B 91 5.74 10.09 -9.07
N ILE B 92 4.85 9.71 -8.15
CA ILE B 92 3.39 9.49 -8.44
C ILE B 92 2.70 10.85 -8.60
N GLY B 93 3.09 11.84 -7.80
CA GLY B 93 2.57 13.23 -7.88
C GLY B 93 1.24 13.38 -7.16
N LEU B 94 1.03 12.63 -6.09
CA LEU B 94 -0.11 12.82 -5.15
C LEU B 94 0.11 14.13 -4.38
N GLU B 95 -0.97 14.87 -4.10
CA GLU B 95 -0.92 16.23 -3.48
C GLU B 95 -0.17 16.16 -2.14
N TRP B 96 0.58 17.22 -1.84
CA TRP B 96 1.44 17.37 -0.63
C TRP B 96 0.65 17.04 0.64
N GLU B 97 -0.60 17.48 0.73
CA GLU B 97 -1.42 17.40 1.98
C GLU B 97 -2.18 16.07 2.06
N GLN B 98 -2.17 15.25 1.00
CA GLN B 98 -2.92 13.97 0.92
C GLN B 98 -1.98 12.76 1.07
N VAL B 99 -0.66 12.98 1.00
CA VAL B 99 0.36 11.90 0.86
C VAL B 99 0.52 11.16 2.20
N HIS B 100 0.53 11.86 3.32
CA HIS B 100 0.76 11.25 4.67
C HIS B 100 -0.30 10.18 4.95
N LEU B 101 -1.58 10.51 4.78
CA LEU B 101 -2.72 9.58 5.03
C LEU B 101 -2.56 8.33 4.15
N GLU B 102 -2.04 8.50 2.94
CA GLU B 102 -1.78 7.39 1.97
C GLU B 102 -0.64 6.53 2.52
N ALA B 103 0.48 7.15 2.89
CA ALA B 103 1.69 6.51 3.45
C ALA B 103 1.36 5.81 4.76
N ARG B 105 -1.16 4.02 5.41
CA ARG B 105 -1.67 2.68 5.15
C ARG B 105 -0.59 1.84 4.45
N TRP B 106 0.12 2.42 3.47
CA TRP B 106 1.17 1.75 2.65
C TRP B 106 2.28 1.19 3.56
N GLU B 107 2.61 1.89 4.65
CA GLU B 107 3.76 1.59 5.55
C GLU B 107 3.65 0.17 6.13
N HIS B 108 2.45 -0.40 6.18
CA HIS B 108 2.15 -1.69 6.85
C HIS B 108 2.23 -2.86 5.86
N VAL B 109 2.29 -2.60 4.55
CA VAL B 109 2.18 -3.65 3.49
C VAL B 109 3.42 -3.68 2.58
N MET B 110 4.37 -2.74 2.74
CA MET B 110 5.58 -2.63 1.86
C MET B 110 6.66 -3.60 2.35
N SER B 111 7.19 -4.44 1.43
CA SER B 111 8.31 -5.37 1.71
C SER B 111 9.64 -4.61 1.69
N GLU B 112 10.69 -5.18 2.28
CA GLU B 112 12.07 -4.64 2.25
C GLU B 112 12.58 -4.66 0.80
N ALA B 113 12.19 -5.69 0.04
CA ALA B 113 12.54 -5.87 -1.40
C ALA B 113 12.19 -4.58 -2.16
N VAL B 114 10.97 -4.07 -1.97
CA VAL B 114 10.47 -2.82 -2.60
C VAL B 114 11.25 -1.62 -2.06
N GLU B 115 11.46 -1.56 -0.74
CA GLU B 115 12.20 -0.45 -0.07
C GLU B 115 13.55 -0.25 -0.77
N ARG B 116 14.26 -1.35 -1.03
CA ARG B 116 15.60 -1.35 -1.69
C ARG B 116 15.50 -0.80 -3.11
N LYS B 117 14.40 -1.10 -3.81
CA LYS B 117 14.12 -0.59 -5.19
C LYS B 117 13.83 0.91 -5.12
N LEU B 118 13.01 1.34 -4.15
CA LEU B 118 12.61 2.75 -3.95
C LEU B 118 13.84 3.59 -3.60
N VAL B 119 14.76 3.04 -2.80
CA VAL B 119 16.04 3.70 -2.41
C VAL B 119 16.82 4.03 -3.69
N LYS B 120 16.92 3.08 -4.62
CA LYS B 120 17.65 3.23 -5.91
C LYS B 120 16.88 4.22 -6.82
N LEU B 121 15.56 4.04 -6.94
CA LEU B 121 14.67 4.87 -7.80
C LEU B 121 14.77 6.34 -7.38
N LEU B 122 14.67 6.61 -6.07
CA LEU B 122 14.57 7.99 -5.50
C LEU B 122 15.98 8.57 -5.26
N GLY B 123 17.04 7.80 -5.55
CA GLY B 123 18.43 8.26 -5.45
C GLY B 123 18.88 8.41 -4.00
N ASN B 124 18.78 7.33 -3.23
CA ASN B 124 19.22 7.23 -1.81
C ASN B 124 18.71 8.42 -1.02
N PRO B 125 17.37 8.53 -0.81
CA PRO B 125 16.79 9.64 -0.05
C PRO B 125 17.12 9.54 1.45
N THR B 126 17.42 10.67 2.09
CA THR B 126 17.82 10.79 3.51
C THR B 126 16.61 11.24 4.35
N THR B 127 15.72 12.05 3.77
CA THR B 127 14.54 12.64 4.47
C THR B 127 13.26 12.34 3.68
N SER B 128 12.11 12.47 4.34
CA SER B 128 10.77 12.46 3.72
C SER B 128 10.55 13.80 3.03
N PRO B 129 9.50 13.96 2.19
CA PRO B 129 9.19 15.27 1.60
C PRO B 129 8.87 16.35 2.65
N TYR B 130 8.62 15.95 3.90
CA TYR B 130 8.28 16.83 5.04
C TYR B 130 9.52 17.08 5.92
N GLY B 131 10.69 16.62 5.45
CA GLY B 131 12.01 16.99 6.02
C GLY B 131 12.46 16.06 7.14
N ASN B 132 11.63 15.09 7.54
CA ASN B 132 11.93 14.14 8.65
C ASN B 132 12.91 13.09 8.15
N PRO B 133 13.98 12.78 8.92
CA PRO B 133 14.99 11.82 8.47
C PRO B 133 14.40 10.40 8.33
N ILE B 134 14.89 9.65 7.35
CA ILE B 134 14.49 8.23 7.08
C ILE B 134 15.39 7.33 7.91
N PRO B 135 14.86 6.66 8.96
CA PRO B 135 15.68 5.81 9.82
C PRO B 135 15.84 4.38 9.30
N GLY B 136 16.81 3.64 9.84
CA GLY B 136 17.01 2.20 9.61
C GLY B 136 17.43 1.87 8.19
N LEU B 137 18.09 2.79 7.49
CA LEU B 137 18.61 2.56 6.11
C LEU B 137 19.82 1.62 6.17
N ASP B 138 20.55 1.63 7.29
CA ASP B 138 21.68 0.69 7.55
C ASP B 138 21.13 -0.74 7.70
N GLU B 139 20.06 -0.90 8.49
CA GLU B 139 19.40 -2.21 8.77
C GLU B 139 18.78 -2.76 7.48
N LEU B 140 18.34 -1.88 6.58
CA LEU B 140 17.80 -2.25 5.24
C LEU B 140 18.94 -2.80 4.36
N GLY B 141 20.15 -2.27 4.54
CA GLY B 141 21.38 -2.75 3.86
C GLY B 141 21.56 -2.10 2.50
N VAL B 142 21.82 -0.80 2.47
CA VAL B 142 22.00 0.02 1.22
C VAL B 142 23.02 1.14 1.48
N ASP B 152 21.83 21.50 15.18
CA ASP B 152 21.24 22.46 16.14
C ASP B 152 19.85 22.88 15.65
N LEU B 153 18.89 21.96 15.65
CA LEU B 153 17.48 22.20 15.27
C LEU B 153 16.67 22.60 16.51
N ARG B 154 15.76 23.56 16.35
CA ARG B 154 14.93 24.12 17.45
C ARG B 154 13.45 24.10 17.01
N ARG B 155 12.54 24.01 17.97
CA ARG B 155 11.06 23.99 17.72
C ARG B 155 10.55 25.43 17.67
N VAL B 156 9.61 25.72 16.77
CA VAL B 156 9.09 27.08 16.47
C VAL B 156 8.54 27.70 17.76
N ASP B 157 7.89 26.91 18.63
CA ASP B 157 7.29 27.37 19.91
C ASP B 157 8.41 27.82 20.87
N GLU B 158 9.57 27.18 20.83
CA GLU B 158 10.75 27.51 21.68
C GLU B 158 11.46 28.73 21.11
N VAL B 159 11.60 28.82 19.78
CA VAL B 159 12.25 29.97 19.08
C VAL B 159 11.43 31.23 19.36
N ALA B 160 10.10 31.13 19.29
CA ALA B 160 9.13 32.22 19.56
C ALA B 160 9.30 32.72 21.00
N ARG B 161 9.25 31.79 21.97
CA ARG B 161 9.33 32.10 23.43
C ARG B 161 10.67 32.77 23.75
N SER B 162 11.75 32.40 23.04
CA SER B 162 13.13 32.88 23.26
C SER B 162 13.41 34.16 22.43
N GLY B 163 12.37 34.80 21.89
CA GLY B 163 12.46 36.11 21.21
C GLY B 163 12.25 36.02 19.70
N GLY B 164 11.89 34.85 19.17
CA GLY B 164 11.60 34.65 17.74
C GLY B 164 12.82 34.89 16.86
N GLY B 165 12.60 35.10 15.56
CA GLY B 165 13.65 35.43 14.58
C GLY B 165 13.46 34.70 13.26
N ARG B 166 14.36 34.95 12.31
CA ARG B 166 14.38 34.30 10.97
C ARG B 166 14.96 32.89 11.11
N ALA B 167 14.29 31.88 10.54
CA ALA B 167 14.65 30.46 10.66
C ALA B 167 14.27 29.70 9.38
N LEU B 168 15.12 28.73 8.99
CA LEU B 168 14.87 27.80 7.86
C LEU B 168 13.99 26.65 8.36
N VAL B 169 12.82 26.44 7.75
CA VAL B 169 11.94 25.27 8.06
C VAL B 169 12.67 24.00 7.63
N CYS B 170 12.86 23.06 8.55
CA CYS B 170 13.64 21.81 8.36
C CYS B 170 12.72 20.58 8.38
N ARG B 171 11.84 20.48 9.39
CA ARG B 171 10.97 19.29 9.61
C ARG B 171 9.54 19.73 9.96
N ILE B 172 8.55 19.02 9.41
CA ILE B 172 7.13 19.04 9.84
C ILE B 172 6.80 17.63 10.33
N ALA B 173 6.47 17.48 11.62
CA ALA B 173 6.24 16.18 12.28
C ALA B 173 4.96 15.53 11.74
N GLU B 174 4.83 14.22 11.94
CA GLU B 174 3.73 13.36 11.42
C GLU B 174 2.39 13.83 11.99
N HIS B 175 2.40 14.42 13.19
CA HIS B 175 1.22 14.96 13.91
C HIS B 175 0.53 16.04 13.06
N VAL B 176 1.32 16.91 12.44
CA VAL B 176 0.84 18.07 11.62
C VAL B 176 0.25 17.53 10.32
N GLN B 177 0.83 16.46 9.79
CA GLN B 177 0.50 15.87 8.46
C GLN B 177 -0.88 15.21 8.50
N LEU B 178 -1.39 14.87 9.68
CA LEU B 178 -2.74 14.25 9.88
C LEU B 178 -3.85 15.25 9.53
N ASP B 179 -3.54 16.55 9.53
CA ASP B 179 -4.49 17.65 9.19
C ASP B 179 -4.16 18.16 7.78
N PRO B 180 -4.87 17.69 6.72
CA PRO B 180 -4.60 18.14 5.36
C PRO B 180 -4.87 19.63 5.14
N ASP B 181 -5.93 20.16 5.76
CA ASP B 181 -6.33 21.59 5.69
C ASP B 181 -5.18 22.47 6.21
N LEU B 182 -4.61 22.11 7.36
CA LEU B 182 -3.47 22.83 7.98
C LEU B 182 -2.26 22.77 7.03
N MET B 183 -1.97 21.59 6.48
CA MET B 183 -0.85 21.36 5.53
C MET B 183 -1.03 22.23 4.29
N SER B 184 -2.28 22.47 3.88
CA SER B 184 -2.64 23.35 2.73
C SER B 184 -2.30 24.81 3.07
N GLU B 185 -2.67 25.28 4.27
CA GLU B 185 -2.35 26.63 4.78
C GLU B 185 -0.83 26.82 4.78
N LEU B 186 -0.10 25.85 5.34
CA LEU B 186 1.39 25.87 5.46
C LEU B 186 2.00 25.95 4.06
N LYS B 187 1.47 25.20 3.10
CA LYS B 187 1.96 25.16 1.69
C LYS B 187 1.73 26.54 1.04
N LYS B 188 0.55 27.14 1.25
CA LYS B 188 0.16 28.45 0.68
C LYS B 188 1.13 29.55 1.15
N VAL B 189 1.24 29.74 2.48
CA VAL B 189 2.03 30.85 3.09
C VAL B 189 3.53 30.58 2.90
N GLY B 190 3.93 29.30 2.76
CA GLY B 190 5.30 28.89 2.43
C GLY B 190 6.07 28.34 3.62
N VAL B 191 5.36 27.82 4.63
CA VAL B 191 5.97 27.04 5.75
C VAL B 191 6.17 25.61 5.26
N VAL B 192 7.26 25.36 4.53
CA VAL B 192 7.61 24.05 3.92
C VAL B 192 9.10 23.82 4.07
N PRO B 193 9.56 22.56 4.17
CA PRO B 193 11.00 22.26 4.34
C PRO B 193 11.86 22.94 3.25
N GLY B 194 12.82 23.76 3.68
CA GLY B 194 13.81 24.42 2.80
C GLY B 194 13.51 25.90 2.56
N ASN B 195 12.38 26.40 3.06
CA ASN B 195 11.95 27.82 2.92
C ASN B 195 12.15 28.56 4.24
N GLU B 196 12.74 29.76 4.19
CA GLU B 196 12.94 30.65 5.36
C GLU B 196 11.58 31.20 5.82
N ILE B 197 11.40 31.34 7.13
CA ILE B 197 10.21 31.96 7.77
C ILE B 197 10.70 32.95 8.83
N ASP B 198 9.85 33.91 9.21
CA ASP B 198 10.09 34.82 10.35
C ASP B 198 9.13 34.42 11.48
N ILE B 199 9.69 33.87 12.57
CA ILE B 199 8.93 33.49 13.79
C ILE B 199 8.85 34.74 14.68
N VAL B 200 7.63 35.22 14.95
CA VAL B 200 7.39 36.43 15.78
C VAL B 200 7.38 36.00 17.24
N ALA B 201 8.06 36.77 18.11
CA ALA B 201 8.16 36.52 19.56
C ALA B 201 6.75 36.50 20.18
N VAL B 202 6.52 35.60 21.14
CA VAL B 202 5.28 35.52 21.96
C VAL B 202 5.70 35.55 23.43
N ALA B 203 4.95 36.26 24.28
CA ALA B 203 5.23 36.43 25.72
C ALA B 203 4.74 35.21 26.49
N GLY B 204 3.42 34.95 26.46
CA GLY B 204 2.75 33.90 27.24
C GLY B 204 3.10 32.50 26.74
N VAL B 205 3.05 31.51 27.64
CA VAL B 205 3.11 30.06 27.33
C VAL B 205 1.69 29.59 27.04
N ASN B 206 1.52 28.60 26.16
CA ASN B 206 0.20 28.13 25.65
C ASN B 206 -0.50 29.27 24.90
N LYS B 207 0.22 29.93 23.99
CA LYS B 207 -0.30 31.04 23.14
C LYS B 207 0.08 30.78 21.68
N PRO B 208 -0.78 31.13 20.70
CA PRO B 208 -0.52 30.82 19.29
C PRO B 208 0.72 31.56 18.76
N ILE B 209 1.56 30.86 18.00
CA ILE B 209 2.83 31.39 17.41
C ILE B 209 2.51 31.98 16.04
N GLN B 210 2.77 33.28 15.86
CA GLN B 210 2.60 34.00 14.57
C GLN B 210 3.85 33.72 13.72
N VAL B 211 3.67 33.02 12.60
CA VAL B 211 4.75 32.69 11.62
C VAL B 211 4.48 33.45 10.33
N GLN B 212 5.52 34.09 9.78
CA GLN B 212 5.48 34.86 8.51
C GLN B 212 6.23 34.06 7.44
N GLY B 213 5.50 33.51 6.47
CA GLY B 213 6.06 32.84 5.27
C GLY B 213 6.29 33.85 4.15
N SER B 214 6.78 33.37 3.01
CA SER B 214 7.08 34.19 1.80
C SER B 214 5.78 34.76 1.20
N GLU B 215 4.69 33.98 1.21
CA GLU B 215 3.42 34.31 0.52
C GLU B 215 2.34 34.74 1.53
N GLY B 216 2.73 35.06 2.77
CA GLY B 216 1.81 35.59 3.80
C GLY B 216 2.14 35.06 5.18
N GLY B 217 1.26 35.34 6.15
CA GLY B 217 1.38 34.91 7.55
C GLY B 217 0.29 33.92 7.94
N THR B 218 0.51 33.17 9.03
CA THR B 218 -0.44 32.17 9.58
C THR B 218 -0.27 32.12 11.11
N GLN B 219 -1.28 31.59 11.80
CA GLN B 219 -1.31 31.43 13.29
C GLN B 219 -1.28 29.93 13.62
N LEU B 220 -0.16 29.46 14.19
CA LEU B 220 0.01 28.06 14.64
C LEU B 220 -0.41 27.96 16.12
N GLN B 221 -1.16 26.92 16.49
CA GLN B 221 -1.47 26.59 17.90
C GLN B 221 -0.20 26.07 18.57
N PRO B 222 -0.06 26.19 19.91
CA PRO B 222 1.15 25.75 20.61
C PRO B 222 1.62 24.34 20.20
N GLY B 223 0.69 23.38 20.16
CA GLY B 223 0.95 21.97 19.80
C GLY B 223 1.48 21.84 18.37
N ILE B 224 0.98 22.66 17.45
CA ILE B 224 1.41 22.68 16.02
C ILE B 224 2.82 23.25 15.93
N ALA B 225 3.03 24.46 16.47
CA ALA B 225 4.34 25.16 16.50
C ALA B 225 5.43 24.25 17.08
N HIS B 226 5.09 23.52 18.16
CA HIS B 226 5.98 22.53 18.83
C HIS B 226 6.43 21.46 17.83
N ALA B 227 5.50 20.98 16.99
CA ALA B 227 5.70 19.85 16.04
C ALA B 227 6.61 20.25 14.88
N VAL B 228 6.71 21.55 14.56
CA VAL B 228 7.57 22.09 13.46
C VAL B 228 8.96 22.42 14.03
N MET B 229 10.02 21.90 13.41
CA MET B 229 11.43 22.16 13.80
C MET B 229 12.11 23.00 12.71
N VAL B 230 12.95 23.96 13.12
CA VAL B 230 13.58 24.97 12.22
C VAL B 230 15.06 25.11 12.58
N ARG B 231 15.86 25.63 11.63
CA ARG B 231 17.29 26.03 11.83
C ARG B 231 17.37 27.55 11.81
N VAL B 232 17.61 28.17 12.98
CA VAL B 232 17.63 29.65 13.18
C VAL B 232 18.86 30.22 12.46
N LYS B 233 18.67 31.30 11.70
CA LYS B 233 19.72 31.97 10.87
C LYS B 233 20.38 33.08 11.69
#